data_3EN5
#
_entry.id   3EN5
#
_cell.length_a   42.296
_cell.length_b   62.985
_cell.length_c   74.144
_cell.angle_alpha   101.14
_cell.angle_beta   92.15
_cell.angle_gamma   90.12
#
_symmetry.space_group_name_H-M   'P 1'
#
loop_
_entity.id
_entity.type
_entity.pdbx_description
1 polymer 'Proto-oncogene tyrosine-protein kinase Src'
2 non-polymer 1-cyclobutyl-3-(3,4-dimethoxyphenyl)-1H-pyrazolo[3,4-d]pyrimidin-4-amine
3 water water
#
_entity_poly.entity_id   1
_entity_poly.type   'polypeptide(L)'
_entity_poly.pdbx_seq_one_letter_code
;GHMQTQGLAKDAWEIPRESLRLEVKLGQGCFGEVWMGTWNGTTRVAIKTLKPGTMSPEAFLQEAQVMKKLRHEKLVQLYA
VVSEEPIYIVTEYMSKGSLLDFLKGEMGKYLRLPQLVDMAAQIASGMAYVERMNYVHRDLRAANILVGENLVCKVADFGL
ARLIEDNEYTARQGAKFPIKWTAPEAALYGRFTIKSDVWSFGILLTELTTKGRVPYPGMVNREVLDQVERGYRMPCPPEC
PESLHDLMCQCWRKDPEERPTFEYLQAFLEDYFTSTEPQYQPGENL
;
_entity_poly.pdbx_strand_id   A,B
#
loop_
_chem_comp.id
_chem_comp.type
_chem_comp.name
_chem_comp.formula
KS4 non-polymer 1-cyclobutyl-3-(3,4-dimethoxyphenyl)-1H-pyrazolo[3,4-d]pyrimidin-4-amine 'C17 H19 N5 O2'
#
# COMPACT_ATOMS: atom_id res chain seq x y z
N TRP A 13 -9.01 31.50 -22.86
CA TRP A 13 -9.26 30.09 -23.28
C TRP A 13 -9.70 30.02 -24.75
N GLU A 14 -10.41 31.05 -25.18
CA GLU A 14 -10.95 31.15 -26.52
C GLU A 14 -9.85 31.30 -27.59
N ILE A 15 -9.94 30.49 -28.65
CA ILE A 15 -8.97 30.49 -29.76
C ILE A 15 -9.64 30.65 -31.13
N PRO A 16 -8.91 31.21 -32.12
CA PRO A 16 -9.56 31.40 -33.41
C PRO A 16 -9.76 30.07 -34.17
N ARG A 17 -10.89 29.91 -34.85
CA ARG A 17 -11.19 28.70 -35.60
C ARG A 17 -10.08 28.21 -36.56
N GLU A 18 -9.37 29.16 -37.17
CA GLU A 18 -8.35 28.84 -38.18
C GLU A 18 -7.04 28.36 -37.56
N SER A 19 -6.96 28.36 -36.23
CA SER A 19 -5.77 27.79 -35.57
C SER A 19 -5.82 26.27 -35.43
N LEU A 20 -6.93 25.66 -35.84
CA LEU A 20 -7.15 24.23 -35.64
C LEU A 20 -7.17 23.45 -36.94
N ARG A 21 -6.48 22.32 -36.97
CA ARG A 21 -6.62 21.45 -38.13
C ARG A 21 -7.01 20.06 -37.64
N LEU A 22 -8.09 19.52 -38.22
CA LEU A 22 -8.63 18.22 -37.85
C LEU A 22 -8.15 17.14 -38.82
N GLU A 23 -7.35 16.22 -38.32
CA GLU A 23 -6.61 15.29 -39.18
C GLU A 23 -7.22 13.91 -39.39
N VAL A 24 -7.58 13.23 -38.30
CA VAL A 24 -8.05 11.83 -38.28
C VAL A 24 -9.26 11.72 -37.34
N LYS A 25 -10.31 11.00 -37.75
CA LYS A 25 -11.47 10.81 -36.86
C LYS A 25 -11.14 9.74 -35.82
N LEU A 26 -11.46 9.99 -34.56
CA LEU A 26 -11.20 9.01 -33.50
C LEU A 26 -12.46 8.33 -32.97
N GLY A 27 -13.55 9.08 -32.95
CA GLY A 27 -14.83 8.56 -32.47
C GLY A 27 -15.96 9.45 -32.93
N GLN A 28 -17.20 8.98 -32.76
CA GLN A 28 -18.42 9.70 -33.18
C GLN A 28 -19.64 9.25 -32.36
N GLY A 29 -20.65 10.12 -32.29
CA GLY A 29 -21.90 9.86 -31.58
C GLY A 29 -22.05 10.66 -30.31
N PHE A 31 -24.23 12.88 -30.96
CA PHE A 31 -23.85 14.03 -30.14
C PHE A 31 -22.67 14.84 -30.70
N GLY A 32 -21.75 14.19 -31.40
CA GLY A 32 -20.57 14.87 -31.97
C GLY A 32 -19.44 13.94 -32.36
N GLU A 33 -18.23 14.48 -32.57
CA GLU A 33 -17.06 13.64 -32.93
C GLU A 33 -15.79 14.01 -32.17
N VAL A 34 -14.84 13.07 -32.12
CA VAL A 34 -13.49 13.36 -31.66
C VAL A 34 -12.42 13.15 -32.73
N TRP A 35 -11.61 14.17 -32.99
CA TRP A 35 -10.53 14.14 -33.97
C TRP A 35 -9.16 14.33 -33.31
N MET A 36 -8.12 13.81 -33.97
CA MET A 36 -6.76 14.16 -33.64
C MET A 36 -6.37 15.29 -34.57
N GLY A 37 -5.57 16.24 -34.09
CA GLY A 37 -5.21 17.34 -34.94
C GLY A 37 -4.10 18.23 -34.43
N THR A 38 -4.09 19.45 -34.95
CA THR A 38 -3.00 20.35 -34.72
C THR A 38 -3.54 21.67 -34.25
N TRP A 39 -2.92 22.21 -33.21
CA TRP A 39 -3.28 23.54 -32.68
C TRP A 39 -2.11 24.46 -32.90
N ASN A 40 -2.40 25.64 -33.49
CA ASN A 40 -1.41 26.66 -33.83
C ASN A 40 -0.30 26.12 -34.73
N GLY A 41 -0.61 25.07 -35.49
CA GLY A 41 0.36 24.53 -36.43
C GLY A 41 1.55 23.82 -35.81
N THR A 42 1.52 23.56 -34.50
CA THR A 42 2.68 22.95 -33.82
C THR A 42 2.35 21.95 -32.71
N THR A 43 1.07 21.79 -32.38
CA THR A 43 0.73 21.03 -31.22
C THR A 43 -0.26 19.93 -31.57
N ARG A 44 0.14 18.66 -31.36
CA ARG A 44 -0.82 17.57 -31.45
C ARG A 44 -1.82 17.74 -30.32
N VAL A 45 -3.10 17.64 -30.67
CA VAL A 45 -4.17 17.85 -29.72
C VAL A 45 -5.29 16.89 -30.05
N ALA A 46 -6.18 16.69 -29.09
CA ALA A 46 -7.46 16.10 -29.38
C ALA A 46 -8.48 17.21 -29.54
N ILE A 47 -9.31 17.09 -30.57
CA ILE A 47 -10.41 18.05 -30.82
C ILE A 47 -11.77 17.36 -30.81
N LYS A 48 -12.71 17.94 -30.07
CA LYS A 48 -14.06 17.39 -29.99
C LYS A 48 -15.13 18.41 -30.39
N THR A 49 -16.05 17.97 -31.24
CA THR A 49 -17.09 18.84 -31.81
C THR A 49 -18.49 18.45 -31.28
N LEU A 50 -19.43 19.39 -31.31
CA LEU A 50 -20.81 19.16 -30.86
C LEU A 50 -21.80 19.59 -31.93
N GLN A 65 -17.00 24.33 -17.98
CA GLN A 65 -16.52 25.25 -16.93
C GLN A 65 -15.79 24.51 -15.82
N VAL A 66 -16.19 23.26 -15.60
CA VAL A 66 -15.50 22.39 -14.65
C VAL A 66 -14.08 22.12 -15.15
N MET A 67 -13.95 21.85 -16.45
CA MET A 67 -12.66 21.56 -17.07
C MET A 67 -11.75 22.77 -17.03
N LYS A 68 -12.33 23.97 -16.97
CA LYS A 68 -11.57 25.20 -16.78
C LYS A 68 -11.05 25.36 -15.33
N LYS A 69 -11.75 24.79 -14.35
CA LYS A 69 -11.32 24.93 -12.95
C LYS A 69 -10.31 23.88 -12.53
N LEU A 70 -10.49 22.66 -13.01
CA LEU A 70 -9.71 21.52 -12.54
C LEU A 70 -8.38 21.32 -13.28
N ARG A 71 -7.34 21.05 -12.52
CA ARG A 71 -5.99 20.90 -13.08
C ARG A 71 -5.22 19.86 -12.28
N HIS A 72 -4.69 18.84 -12.97
CA HIS A 72 -4.03 17.71 -12.32
C HIS A 72 -3.43 16.80 -13.37
N GLU A 73 -2.21 16.32 -13.14
CA GLU A 73 -1.50 15.50 -14.10
C GLU A 73 -2.25 14.20 -14.49
N LYS A 74 -3.20 13.78 -13.67
CA LYS A 74 -3.98 12.58 -14.01
C LYS A 74 -5.39 12.89 -14.55
N LEU A 75 -5.66 14.16 -14.84
CA LEU A 75 -6.92 14.63 -15.39
C LEU A 75 -6.63 15.12 -16.77
N VAL A 76 -7.41 14.72 -17.77
CA VAL A 76 -7.10 15.16 -19.14
C VAL A 76 -7.30 16.67 -19.15
N GLN A 77 -6.36 17.35 -19.75
CA GLN A 77 -6.23 18.79 -19.59
C GLN A 77 -6.87 19.52 -20.78
N LEU A 78 -7.82 20.39 -20.46
CA LEU A 78 -8.34 21.34 -21.43
C LEU A 78 -7.26 22.30 -21.89
N TYR A 79 -7.22 22.55 -23.20
CA TYR A 79 -6.37 23.58 -23.77
C TYR A 79 -7.10 24.84 -24.23
N ALA A 80 -8.27 24.68 -24.86
CA ALA A 80 -8.87 25.79 -25.55
C ALA A 80 -10.29 25.48 -25.99
N VAL A 81 -11.09 26.52 -26.19
CA VAL A 81 -12.47 26.31 -26.66
C VAL A 81 -12.86 27.23 -27.81
N VAL A 82 -13.81 26.77 -28.60
CA VAL A 82 -14.55 27.65 -29.48
C VAL A 82 -15.99 27.54 -28.97
N SER A 83 -16.44 28.60 -28.29
CA SER A 83 -17.65 28.61 -27.47
C SER A 83 -18.95 29.08 -28.16
N GLU A 84 -18.93 29.30 -29.49
CA GLU A 84 -20.14 29.64 -30.29
C GLU A 84 -20.44 28.55 -31.32
N GLU A 85 -21.72 28.18 -31.45
CA GLU A 85 -22.12 27.04 -32.30
C GLU A 85 -21.63 27.29 -33.71
N PRO A 86 -20.92 26.33 -34.36
CA PRO A 86 -20.44 25.01 -33.92
C PRO A 86 -19.22 25.05 -33.00
N ILE A 87 -19.37 24.36 -31.87
CA ILE A 87 -18.49 24.43 -30.72
C ILE A 87 -17.38 23.42 -30.84
N TYR A 88 -16.19 23.81 -30.38
CA TYR A 88 -14.99 22.98 -30.44
C TYR A 88 -14.32 22.97 -29.09
N ILE A 89 -14.01 21.78 -28.58
CA ILE A 89 -13.28 21.59 -27.34
C ILE A 89 -11.89 21.02 -27.66
N VAL A 90 -10.84 21.61 -27.11
CA VAL A 90 -9.46 21.23 -27.43
C VAL A 90 -8.72 20.85 -26.18
N THR A 91 -8.22 19.61 -26.13
CA THR A 91 -7.52 19.09 -24.95
C THR A 91 -6.23 18.41 -25.33
N GLU A 92 -5.38 18.12 -24.35
CA GLU A 92 -4.20 17.28 -24.60
C GLU A 92 -4.62 15.98 -25.30
N TYR A 93 -3.71 15.47 -26.14
CA TYR A 93 -3.93 14.24 -26.88
C TYR A 93 -3.46 13.02 -26.08
N MET A 94 -4.32 12.00 -26.02
CA MET A 94 -3.98 10.73 -25.37
C MET A 94 -3.84 9.66 -26.43
N SER A 95 -2.60 9.22 -26.66
CA SER A 95 -2.28 8.44 -27.86
C SER A 95 -2.85 7.02 -27.94
N LYS A 96 -3.26 6.43 -26.81
CA LYS A 96 -3.76 5.06 -26.85
C LYS A 96 -5.30 4.90 -26.77
N GLY A 97 -6.04 6.01 -26.79
CA GLY A 97 -7.50 5.93 -26.75
C GLY A 97 -7.96 5.51 -25.37
N SER A 98 -9.17 4.97 -25.28
CA SER A 98 -9.74 4.59 -24.00
C SER A 98 -9.03 3.41 -23.37
N LEU A 99 -9.04 3.38 -22.05
CA LEU A 99 -8.50 2.29 -21.28
C LEU A 99 -9.19 1.00 -21.68
N LEU A 100 -10.51 1.07 -21.88
CA LEU A 100 -11.26 -0.10 -22.30
C LEU A 100 -10.71 -0.65 -23.62
N ASP A 101 -10.56 0.21 -24.63
CA ASP A 101 -9.91 -0.22 -25.90
C ASP A 101 -8.47 -0.73 -25.72
N PHE A 102 -7.69 -0.09 -24.87
CA PHE A 102 -6.33 -0.48 -24.65
C PHE A 102 -6.26 -1.88 -24.04
N LEU A 103 -7.02 -2.12 -22.98
CA LEU A 103 -7.11 -3.45 -22.35
C LEU A 103 -7.53 -4.56 -23.33
N LYS A 104 -8.51 -4.25 -24.18
CA LYS A 104 -9.03 -5.24 -25.13
C LYS A 104 -8.09 -5.51 -26.32
N GLY A 105 -7.34 -4.49 -26.77
CA GLY A 105 -6.43 -4.63 -27.93
C GLY A 105 -5.20 -5.52 -27.76
N GLU A 106 -4.27 -5.41 -28.71
CA GLU A 106 -2.98 -6.12 -28.72
C GLU A 106 -2.20 -6.04 -27.39
N MET A 107 -2.43 -4.98 -26.61
CA MET A 107 -1.67 -4.81 -25.38
C MET A 107 -2.17 -5.65 -24.24
N GLY A 108 -3.44 -6.01 -24.26
CA GLY A 108 -4.00 -6.82 -23.18
C GLY A 108 -3.13 -8.03 -22.89
N LYS A 109 -2.81 -8.79 -23.93
CA LYS A 109 -2.01 -9.99 -23.79
C LYS A 109 -0.76 -9.76 -22.91
N TYR A 110 -0.21 -8.55 -22.88
CA TYR A 110 1.09 -8.34 -22.23
C TYR A 110 1.03 -7.63 -20.91
N LEU A 111 -0.08 -6.95 -20.62
CA LEU A 111 -0.20 -6.32 -19.32
C LEU A 111 -0.23 -7.38 -18.23
N ARG A 112 0.35 -7.03 -17.11
CA ARG A 112 0.51 -7.96 -16.04
C ARG A 112 0.20 -7.15 -14.78
N LEU A 113 -0.05 -7.82 -13.66
CA LEU A 113 -0.48 -7.12 -12.45
C LEU A 113 0.34 -5.86 -12.07
N PRO A 114 1.69 -5.89 -12.18
CA PRO A 114 2.34 -4.62 -11.83
C PRO A 114 1.88 -3.44 -12.71
N GLN A 115 1.80 -3.63 -14.03
CA GLN A 115 1.26 -2.56 -14.89
C GLN A 115 -0.19 -2.14 -14.52
N LEU A 116 -1.06 -3.13 -14.33
CA LEU A 116 -2.45 -2.87 -14.04
C LEU A 116 -2.64 -2.18 -12.70
N VAL A 117 -1.87 -2.60 -11.68
CA VAL A 117 -1.96 -1.97 -10.36
C VAL A 117 -1.46 -0.53 -10.42
N ASP A 118 -0.46 -0.32 -11.28
CA ASP A 118 0.07 0.99 -11.45
C ASP A 118 -0.92 1.96 -12.13
N MET A 119 -1.61 1.48 -13.15
CA MET A 119 -2.65 2.28 -13.78
C MET A 119 -3.82 2.56 -12.81
N ALA A 120 -4.17 1.59 -11.99
CA ALA A 120 -5.22 1.74 -11.01
C ALA A 120 -4.85 2.87 -10.05
N ALA A 121 -3.58 2.87 -9.61
CA ALA A 121 -3.04 3.89 -8.71
C ALA A 121 -3.10 5.32 -9.32
N GLN A 122 -2.72 5.48 -10.58
CA GLN A 122 -2.85 6.74 -11.30
C GLN A 122 -4.27 7.27 -11.34
N ILE A 123 -5.22 6.38 -11.58
CA ILE A 123 -6.62 6.79 -11.60
C ILE A 123 -7.04 7.18 -10.18
N ALA A 124 -6.59 6.40 -9.21
CA ALA A 124 -6.88 6.69 -7.81
C ALA A 124 -6.41 8.09 -7.47
N SER A 125 -5.19 8.38 -7.91
CA SER A 125 -4.63 9.70 -7.76
C SER A 125 -5.49 10.83 -8.42
N GLY A 126 -5.92 10.61 -9.66
CA GLY A 126 -6.88 11.50 -10.35
C GLY A 126 -8.12 11.75 -9.50
N MET A 127 -8.75 10.68 -9.06
CA MET A 127 -9.95 10.73 -8.23
C MET A 127 -9.72 11.30 -6.81
N ALA A 128 -8.53 11.13 -6.26
CA ALA A 128 -8.21 11.81 -5.01
C ALA A 128 -8.18 13.33 -5.20
N TYR A 129 -7.64 13.82 -6.31
CA TYR A 129 -7.76 15.26 -6.57
C TYR A 129 -9.24 15.70 -6.65
N VAL A 130 -10.04 14.97 -7.42
CA VAL A 130 -11.47 15.19 -7.48
C VAL A 130 -12.17 15.15 -6.11
N GLU A 131 -11.81 14.15 -5.30
CA GLU A 131 -12.23 14.01 -3.89
C GLU A 131 -11.97 15.32 -3.15
N ARG A 132 -10.69 15.70 -3.08
CA ARG A 132 -10.25 16.96 -2.43
C ARG A 132 -10.93 18.23 -2.92
N MET A 133 -11.22 18.30 -4.21
CA MET A 133 -11.85 19.50 -4.78
C MET A 133 -13.34 19.56 -4.54
N ASN A 134 -13.92 18.49 -4.01
CA ASN A 134 -15.36 18.41 -3.75
C ASN A 134 -16.18 18.18 -4.99
N TYR A 135 -15.64 17.45 -5.95
CA TYR A 135 -16.44 17.13 -7.08
C TYR A 135 -16.84 15.68 -7.01
N VAL A 136 -17.90 15.33 -7.72
CA VAL A 136 -18.32 13.95 -7.94
C VAL A 136 -18.23 13.63 -9.45
N HIS A 137 -17.63 12.50 -9.80
CA HIS A 137 -17.46 12.15 -11.21
C HIS A 137 -18.75 11.59 -11.81
N ARG A 138 -19.38 10.65 -11.10
CA ARG A 138 -20.68 10.05 -11.51
C ARG A 138 -20.65 9.00 -12.61
N ASP A 139 -19.61 8.96 -13.45
CA ASP A 139 -19.51 7.89 -14.48
C ASP A 139 -18.05 7.39 -14.67
N LEU A 140 -17.43 7.02 -13.56
CA LEU A 140 -16.09 6.45 -13.56
C LEU A 140 -16.12 4.97 -13.96
N ARG A 141 -15.44 4.67 -15.06
CA ARG A 141 -15.28 3.31 -15.54
C ARG A 141 -14.27 3.35 -16.68
N ALA A 142 -13.76 2.19 -17.09
CA ALA A 142 -12.68 2.13 -18.07
C ALA A 142 -12.92 2.88 -19.41
N ALA A 143 -14.17 2.96 -19.87
CA ALA A 143 -14.48 3.64 -21.13
C ALA A 143 -14.25 5.15 -21.00
N ASN A 144 -14.21 5.61 -19.76
CA ASN A 144 -14.08 7.02 -19.41
C ASN A 144 -12.70 7.47 -18.92
N ILE A 145 -11.73 6.57 -19.08
CA ILE A 145 -10.33 6.82 -18.76
C ILE A 145 -9.57 6.82 -20.07
N LEU A 146 -8.61 7.72 -20.19
CA LEU A 146 -7.73 7.72 -21.37
C LEU A 146 -6.33 7.32 -21.00
N VAL A 147 -5.62 6.78 -21.99
CA VAL A 147 -4.30 6.21 -21.82
C VAL A 147 -3.36 6.81 -22.85
N GLY A 148 -2.18 7.21 -22.38
CA GLY A 148 -1.18 7.82 -23.23
C GLY A 148 0.04 6.93 -23.34
N GLU A 149 1.11 7.52 -23.82
CA GLU A 149 2.42 6.88 -23.87
C GLU A 149 2.83 6.46 -22.46
N ASN A 150 3.57 5.37 -22.37
CA ASN A 150 4.20 4.96 -21.13
C ASN A 150 3.21 4.54 -20.05
N LEU A 151 2.09 3.98 -20.50
CA LEU A 151 0.97 3.62 -19.65
C LEU A 151 0.42 4.76 -18.80
N VAL A 152 0.52 6.00 -19.24
CA VAL A 152 -0.17 7.08 -18.53
C VAL A 152 -1.69 6.93 -18.66
N CYS A 153 -2.38 7.02 -17.52
CA CYS A 153 -3.85 6.98 -17.47
C CYS A 153 -4.44 8.24 -16.90
N LYS A 154 -5.55 8.70 -17.45
CA LYS A 154 -6.11 9.95 -16.98
C LYS A 154 -7.61 9.94 -17.04
N VAL A 155 -8.23 10.55 -16.03
CA VAL A 155 -9.68 10.75 -15.98
C VAL A 155 -10.09 11.83 -16.98
N ALA A 156 -11.21 11.58 -17.67
CA ALA A 156 -11.56 12.30 -18.88
C ALA A 156 -13.06 12.51 -18.97
N PRO A 178 -26.13 1.26 -17.79
CA PRO A 178 -25.13 1.94 -16.92
C PRO A 178 -25.13 1.41 -15.46
N ILE A 179 -26.24 0.77 -15.07
CA ILE A 179 -26.35 0.10 -13.78
C ILE A 179 -25.02 -0.50 -13.28
N LYS A 180 -24.45 -1.44 -14.05
CA LYS A 180 -23.31 -2.28 -13.63
C LYS A 180 -22.08 -1.63 -12.94
N TRP A 181 -21.85 -0.34 -13.17
CA TRP A 181 -20.69 0.32 -12.61
C TRP A 181 -21.10 1.26 -11.46
N THR A 182 -22.41 1.28 -11.17
CA THR A 182 -22.98 2.28 -10.29
C THR A 182 -23.33 1.72 -8.92
N ALA A 183 -22.96 2.43 -7.87
CA ALA A 183 -23.37 2.08 -6.53
C ALA A 183 -24.91 2.05 -6.42
N PRO A 184 -25.45 1.07 -5.67
CA PRO A 184 -26.86 0.86 -5.44
C PRO A 184 -27.60 2.11 -4.99
N GLU A 185 -27.01 2.89 -4.08
CA GLU A 185 -27.72 4.04 -3.55
C GLU A 185 -27.82 5.10 -4.63
N ALA A 186 -26.84 5.08 -5.53
CA ALA A 186 -26.81 6.00 -6.64
C ALA A 186 -27.83 5.56 -7.70
N ALA A 187 -27.77 4.27 -8.09
CA ALA A 187 -28.66 3.76 -9.11
C ALA A 187 -30.12 3.83 -8.71
N LEU A 188 -30.40 3.66 -7.41
CA LEU A 188 -31.77 3.55 -6.93
C LEU A 188 -32.36 4.86 -6.43
N TYR A 189 -31.53 5.70 -5.82
CA TYR A 189 -32.03 6.89 -5.15
C TYR A 189 -31.27 8.14 -5.54
N GLY A 190 -30.56 8.08 -6.66
CA GLY A 190 -29.74 9.19 -7.06
C GLY A 190 -28.77 9.72 -6.03
N ARG A 191 -28.43 8.97 -4.97
CA ARG A 191 -27.38 9.45 -4.04
C ARG A 191 -25.99 9.31 -4.65
N PHE A 192 -25.66 10.21 -5.57
CA PHE A 192 -24.30 10.22 -6.13
C PHE A 192 -23.37 10.96 -5.18
N THR A 193 -22.28 10.32 -4.77
CA THR A 193 -21.26 10.98 -3.96
C THR A 193 -19.91 10.43 -4.34
N ILE A 194 -18.86 11.03 -3.79
CA ILE A 194 -17.53 10.53 -3.96
C ILE A 194 -17.48 9.03 -3.58
N LYS A 195 -18.33 8.65 -2.63
CA LYS A 195 -18.43 7.29 -2.16
C LYS A 195 -19.04 6.33 -3.21
N SER A 196 -19.99 6.83 -4.01
CA SER A 196 -20.45 6.05 -5.14
C SER A 196 -19.37 6.00 -6.24
N ASP A 197 -18.54 7.03 -6.36
CA ASP A 197 -17.42 6.92 -7.29
C ASP A 197 -16.49 5.77 -6.79
N VAL A 198 -16.23 5.73 -5.48
CA VAL A 198 -15.40 4.67 -4.90
C VAL A 198 -15.95 3.30 -5.27
N TRP A 199 -17.26 3.13 -5.21
CA TRP A 199 -17.88 1.90 -5.70
C TRP A 199 -17.50 1.60 -7.16
N SER A 200 -17.61 2.58 -8.04
CA SER A 200 -17.24 2.38 -9.45
C SER A 200 -15.78 2.03 -9.60
N PHE A 201 -14.94 2.68 -8.81
CA PHE A 201 -13.56 2.31 -8.81
C PHE A 201 -13.35 0.83 -8.52
N GLY A 202 -14.10 0.27 -7.56
CA GLY A 202 -14.07 -1.19 -7.32
C GLY A 202 -14.35 -2.01 -8.59
N ILE A 203 -15.39 -1.63 -9.32
CA ILE A 203 -15.74 -2.29 -10.57
C ILE A 203 -14.62 -2.13 -11.63
N LEU A 204 -14.03 -0.95 -11.69
CA LEU A 204 -12.92 -0.73 -12.60
C LEU A 204 -11.74 -1.65 -12.29
N LEU A 205 -11.48 -1.92 -11.01
CA LEU A 205 -10.44 -2.88 -10.65
C LEU A 205 -10.62 -4.23 -11.33
N THR A 206 -11.87 -4.72 -11.35
CA THR A 206 -12.19 -5.94 -12.06
C THR A 206 -12.01 -5.81 -13.59
N GLU A 207 -12.41 -4.68 -14.19
CA GLU A 207 -12.10 -4.42 -15.61
C GLU A 207 -10.58 -4.51 -15.82
N LEU A 208 -9.83 -3.84 -14.96
CA LEU A 208 -8.38 -3.96 -15.01
C LEU A 208 -7.90 -5.41 -14.89
N THR A 209 -8.41 -6.15 -13.91
CA THR A 209 -7.87 -7.50 -13.68
C THR A 209 -8.43 -8.58 -14.60
N THR A 210 -9.53 -8.32 -15.29
CA THR A 210 -10.03 -9.28 -16.27
C THR A 210 -9.59 -8.81 -17.64
N LYS A 211 -8.81 -7.72 -17.66
CA LYS A 211 -8.39 -7.09 -18.94
C LYS A 211 -9.53 -6.63 -19.82
N GLY A 212 -10.52 -6.01 -19.21
CA GLY A 212 -11.55 -5.32 -19.95
C GLY A 212 -12.89 -6.02 -20.14
N ARG A 213 -13.08 -7.19 -19.55
CA ARG A 213 -14.40 -7.84 -19.64
C ARG A 213 -15.52 -6.99 -19.01
N VAL A 214 -16.76 -7.30 -19.36
CA VAL A 214 -17.89 -6.62 -18.75
C VAL A 214 -18.00 -7.18 -17.34
N PRO A 215 -18.23 -6.33 -16.34
CA PRO A 215 -18.49 -6.87 -14.99
C PRO A 215 -19.76 -7.72 -14.97
N TYR A 216 -19.84 -8.65 -14.01
CA TYR A 216 -21.03 -9.50 -13.87
C TYR A 216 -21.35 -10.38 -15.09
N PRO A 217 -20.36 -11.14 -15.59
CA PRO A 217 -20.50 -11.88 -16.86
C PRO A 217 -21.78 -12.72 -16.93
N GLY A 218 -22.57 -12.54 -17.99
CA GLY A 218 -23.80 -13.26 -18.19
C GLY A 218 -25.05 -12.75 -17.48
N MET A 219 -24.89 -11.85 -16.51
CA MET A 219 -26.07 -11.26 -15.89
C MET A 219 -26.52 -9.99 -16.63
N VAL A 220 -27.82 -9.84 -16.76
CA VAL A 220 -28.39 -8.60 -17.28
C VAL A 220 -28.60 -7.56 -16.16
N ASN A 221 -28.75 -6.28 -16.52
CA ASN A 221 -28.90 -5.20 -15.51
C ASN A 221 -29.88 -5.53 -14.37
N ARG A 222 -31.08 -5.95 -14.73
CA ARG A 222 -32.10 -6.19 -13.73
C ARG A 222 -31.61 -7.27 -12.80
N GLU A 223 -30.70 -8.11 -13.30
CA GLU A 223 -30.27 -9.26 -12.51
C GLU A 223 -29.15 -8.82 -11.55
N VAL A 224 -28.30 -7.93 -12.04
CA VAL A 224 -27.21 -7.38 -11.26
C VAL A 224 -27.79 -6.59 -10.09
N LEU A 225 -28.71 -5.68 -10.40
CA LEU A 225 -29.35 -4.88 -9.37
C LEU A 225 -30.01 -5.72 -8.26
N ASP A 226 -30.88 -6.65 -8.65
CA ASP A 226 -31.54 -7.53 -7.70
C ASP A 226 -30.52 -8.29 -6.86
N GLN A 227 -29.53 -8.91 -7.52
CA GLN A 227 -28.50 -9.71 -6.83
C GLN A 227 -27.59 -8.90 -5.90
N VAL A 228 -27.16 -7.73 -6.36
CA VAL A 228 -26.28 -6.90 -5.57
C VAL A 228 -26.99 -6.38 -4.30
N GLU A 229 -28.27 -5.97 -4.42
CA GLU A 229 -29.06 -5.57 -3.26
C GLU A 229 -29.22 -6.73 -2.26
N ARG A 230 -29.27 -7.97 -2.78
CA ARG A 230 -29.37 -9.17 -1.93
C ARG A 230 -28.00 -9.56 -1.36
N GLY A 231 -26.99 -8.71 -1.59
CA GLY A 231 -25.65 -8.93 -1.08
C GLY A 231 -24.64 -9.64 -1.99
N TYR A 232 -25.02 -9.95 -3.23
CA TYR A 232 -24.04 -10.50 -4.15
C TYR A 232 -22.93 -9.49 -4.48
N ARG A 233 -21.74 -10.02 -4.68
CA ARG A 233 -20.58 -9.30 -5.13
C ARG A 233 -19.80 -10.26 -6.01
N MET A 234 -19.15 -9.74 -7.04
CA MET A 234 -18.25 -10.51 -7.89
C MET A 234 -17.19 -11.21 -7.06
N PRO A 235 -17.00 -12.51 -7.32
CA PRO A 235 -15.96 -13.31 -6.72
C PRO A 235 -14.61 -12.84 -7.19
N CYS A 236 -13.56 -13.43 -6.58
CA CYS A 236 -12.18 -13.19 -6.98
C CYS A 236 -11.92 -13.71 -8.41
N PRO A 237 -11.54 -12.82 -9.35
CA PRO A 237 -11.24 -13.20 -10.76
C PRO A 237 -9.95 -14.02 -10.91
N PRO A 238 -9.88 -14.92 -11.92
CA PRO A 238 -8.77 -15.87 -12.10
C PRO A 238 -7.36 -15.28 -11.85
N GLU A 239 -6.59 -15.93 -10.97
CA GLU A 239 -5.15 -15.60 -10.77
C GLU A 239 -4.88 -14.19 -10.23
N CYS A 240 -5.91 -13.53 -9.70
CA CYS A 240 -5.76 -12.23 -9.08
C CYS A 240 -5.70 -12.38 -7.56
N PRO A 241 -4.67 -11.80 -6.88
CA PRO A 241 -4.49 -12.06 -5.44
C PRO A 241 -5.71 -11.72 -4.61
N GLU A 242 -6.08 -12.60 -3.68
CA GLU A 242 -7.15 -12.35 -2.69
C GLU A 242 -7.06 -10.94 -2.03
N SER A 243 -5.87 -10.50 -1.67
CA SER A 243 -5.68 -9.17 -1.08
C SER A 243 -6.20 -8.04 -1.97
N LEU A 244 -6.10 -8.18 -3.28
CA LEU A 244 -6.64 -7.17 -4.17
C LEU A 244 -8.15 -7.33 -4.33
N HIS A 245 -8.64 -8.56 -4.30
CA HIS A 245 -10.08 -8.72 -4.32
C HIS A 245 -10.70 -8.14 -3.03
N ASP A 246 -9.91 -8.14 -1.96
CA ASP A 246 -10.41 -7.62 -0.70
C ASP A 246 -10.57 -6.08 -0.74
N LEU A 247 -9.62 -5.42 -1.39
CA LEU A 247 -9.75 -4.01 -1.72
C LEU A 247 -11.03 -3.75 -2.49
N MET A 248 -11.33 -4.56 -3.50
CA MET A 248 -12.59 -4.43 -4.25
C MET A 248 -13.78 -4.54 -3.29
N CYS A 249 -13.71 -5.52 -2.40
CA CYS A 249 -14.77 -5.69 -1.42
C CYS A 249 -14.96 -4.49 -0.53
N GLN A 250 -13.88 -3.84 -0.18
CA GLN A 250 -13.98 -2.63 0.59
C GLN A 250 -14.71 -1.52 -0.17
N CYS A 251 -14.48 -1.42 -1.48
CA CYS A 251 -15.19 -0.47 -2.32
C CYS A 251 -16.67 -0.76 -2.47
N TRP A 252 -17.04 -2.01 -2.24
CA TRP A 252 -18.42 -2.44 -2.43
C TRP A 252 -19.17 -2.64 -1.09
N ARG A 253 -18.68 -2.00 -0.03
CA ARG A 253 -19.43 -2.00 1.20
C ARG A 253 -20.76 -1.33 0.95
N LYS A 254 -21.79 -1.89 1.58
CA LYS A 254 -23.12 -1.34 1.56
C LYS A 254 -23.16 0.05 2.16
N ASP A 255 -22.57 0.29 3.32
CA ASP A 255 -22.63 1.64 3.89
C ASP A 255 -21.59 2.53 3.17
N PRO A 256 -22.07 3.51 2.38
CA PRO A 256 -21.14 4.32 1.57
C PRO A 256 -20.07 5.00 2.40
N GLU A 257 -20.39 5.38 3.62
CA GLU A 257 -19.43 5.96 4.58
C GLU A 257 -18.34 4.99 5.10
N GLU A 258 -18.51 3.67 4.93
CA GLU A 258 -17.50 2.68 5.32
C GLU A 258 -16.53 2.36 4.17
N ARG A 259 -16.76 2.93 2.99
CA ARG A 259 -15.87 2.68 1.85
C ARG A 259 -14.61 3.53 1.97
N PRO A 260 -13.48 3.03 1.46
CA PRO A 260 -12.23 3.80 1.61
C PRO A 260 -12.24 5.07 0.76
N THR A 261 -11.49 6.09 1.19
CA THR A 261 -11.25 7.26 0.37
C THR A 261 -10.35 6.88 -0.79
N PHE A 262 -10.28 7.74 -1.79
CA PHE A 262 -9.32 7.56 -2.88
C PHE A 262 -7.88 7.71 -2.39
N GLU A 263 -7.64 8.69 -1.53
CA GLU A 263 -6.34 8.84 -0.90
C GLU A 263 -5.88 7.52 -0.27
N TYR A 264 -6.74 6.87 0.49
CA TYR A 264 -6.42 5.53 0.95
C TYR A 264 -6.12 4.55 -0.24
N LEU A 265 -6.97 4.53 -1.27
CA LEU A 265 -6.80 3.59 -2.37
C LEU A 265 -5.47 3.81 -3.15
N GLN A 266 -5.19 5.08 -3.42
CA GLN A 266 -3.98 5.44 -4.10
C GLN A 266 -2.73 4.92 -3.35
N ALA A 267 -2.66 5.19 -2.04
CA ALA A 267 -1.55 4.75 -1.19
C ALA A 267 -1.45 3.22 -1.16
N PHE A 268 -2.57 2.54 -1.00
CA PHE A 268 -2.56 1.08 -1.01
C PHE A 268 -1.95 0.53 -2.33
N LEU A 269 -2.48 1.02 -3.46
CA LEU A 269 -2.03 0.62 -4.80
C LEU A 269 -0.56 0.94 -5.11
N GLU A 270 -0.11 2.14 -4.74
CA GLU A 270 1.29 2.51 -4.91
C GLU A 270 2.23 1.59 -4.14
N ASP A 271 1.80 1.19 -2.95
CA ASP A 271 2.63 0.41 -2.04
C ASP A 271 2.48 -1.12 -2.21
N TYR A 272 1.65 -1.52 -3.16
CA TYR A 272 1.12 -2.90 -3.20
C TYR A 272 2.19 -4.02 -3.23
N PHE A 273 3.17 -3.91 -4.11
CA PHE A 273 4.19 -4.95 -4.22
C PHE A 273 5.29 -4.98 -3.15
N THR A 274 5.28 -4.02 -2.21
CA THR A 274 6.19 -4.05 -1.07
C THR A 274 5.46 -4.41 0.24
N SER A 275 4.31 -3.80 0.47
CA SER A 275 3.57 -3.92 1.71
C SER A 275 2.60 -5.08 1.69
N THR A 276 1.93 -5.33 0.57
CA THR A 276 0.84 -6.29 0.50
C THR A 276 1.22 -7.61 -0.17
N GLU A 277 1.86 -7.56 -1.35
CA GLU A 277 2.30 -8.77 -2.05
C GLU A 277 3.79 -8.71 -2.28
N PRO A 278 4.57 -8.68 -1.21
CA PRO A 278 6.01 -8.67 -1.41
C PRO A 278 6.50 -9.87 -2.23
N GLN A 279 5.75 -10.98 -2.24
CA GLN A 279 6.24 -12.22 -2.87
C GLN A 279 5.60 -12.60 -4.20
N TYR A 280 4.79 -11.68 -4.73
CA TYR A 280 4.14 -11.85 -6.02
C TYR A 280 5.05 -12.46 -7.10
N GLN A 281 4.43 -13.20 -8.03
CA GLN A 281 5.09 -13.90 -9.13
C GLN A 281 4.15 -13.83 -10.32
N PRO A 282 4.65 -13.42 -11.49
CA PRO A 282 3.74 -13.36 -12.66
C PRO A 282 3.33 -14.77 -13.04
N GLY A 283 2.05 -14.96 -13.36
CA GLY A 283 1.53 -16.26 -13.79
C GLY A 283 1.20 -16.21 -15.28
N GLU A 284 0.30 -17.07 -15.75
CA GLU A 284 -0.09 -17.01 -17.17
C GLU A 284 -0.73 -15.67 -17.67
N ASN A 285 -1.46 -14.95 -16.82
CA ASN A 285 -2.14 -13.72 -17.27
C ASN A 285 -1.89 -12.48 -16.41
N LEU A 286 -1.51 -12.71 -15.16
CA LEU A 286 -1.40 -11.63 -14.18
C LEU A 286 -0.14 -11.76 -13.31
N ALA B 9 19.69 -34.85 21.56
CA ALA B 9 19.44 -33.82 20.54
C ALA B 9 18.74 -32.64 21.21
N LYS B 10 17.52 -32.85 21.69
CA LYS B 10 16.66 -31.72 22.02
C LYS B 10 16.88 -31.02 23.36
N ASP B 11 16.46 -29.77 23.45
CA ASP B 11 16.50 -29.01 24.69
C ASP B 11 15.09 -28.81 25.27
N ALA B 12 15.01 -28.07 26.36
CA ALA B 12 13.78 -28.06 27.12
C ALA B 12 12.72 -27.13 26.53
N TRP B 13 13.00 -26.60 25.35
CA TRP B 13 11.98 -25.87 24.59
C TRP B 13 11.12 -26.81 23.70
N GLU B 14 11.57 -28.06 23.53
CA GLU B 14 10.91 -29.03 22.64
C GLU B 14 9.54 -29.51 23.15
N ILE B 15 8.52 -29.33 22.30
CA ILE B 15 7.15 -29.72 22.59
C ILE B 15 6.78 -30.91 21.70
N PRO B 16 5.74 -31.66 22.06
CA PRO B 16 5.31 -32.65 21.06
C PRO B 16 4.34 -32.00 20.11
N ARG B 17 4.46 -32.30 18.82
CA ARG B 17 3.55 -31.76 17.79
C ARG B 17 2.07 -31.95 18.15
N GLU B 18 1.77 -33.10 18.73
CA GLU B 18 0.42 -33.50 19.13
C GLU B 18 -0.26 -32.47 20.03
N SER B 19 0.52 -31.77 20.86
CA SER B 19 -0.07 -30.83 21.82
C SER B 19 -0.51 -29.49 21.19
N LEU B 20 -0.38 -29.40 19.88
CA LEU B 20 -0.74 -28.19 19.15
C LEU B 20 -1.94 -28.46 18.26
N ARG B 21 -2.98 -27.64 18.40
CA ARG B 21 -4.08 -27.69 17.44
C ARG B 21 -4.06 -26.38 16.64
N LEU B 22 -3.85 -26.50 15.33
CA LEU B 22 -3.91 -25.32 14.44
C LEU B 22 -5.36 -25.02 14.02
N GLU B 23 -5.82 -23.82 14.37
CA GLU B 23 -7.22 -23.43 14.17
C GLU B 23 -7.41 -22.48 12.97
N VAL B 24 -6.85 -21.26 13.04
CA VAL B 24 -7.06 -20.23 12.02
C VAL B 24 -5.74 -19.82 11.33
N LYS B 25 -5.77 -19.74 10.01
CA LYS B 25 -4.65 -19.24 9.22
C LYS B 25 -4.64 -17.72 9.24
N LEU B 26 -3.47 -17.14 9.45
CA LEU B 26 -3.29 -15.70 9.63
C LEU B 26 -2.43 -15.09 8.52
N GLY B 27 -1.47 -15.89 8.03
CA GLY B 27 -0.52 -15.46 7.00
C GLY B 27 0.15 -16.66 6.35
N GLN B 28 0.50 -16.49 5.10
CA GLN B 28 1.12 -17.55 4.31
C GLN B 28 2.18 -16.90 3.45
N GLY B 29 3.35 -17.53 3.41
CA GLY B 29 4.45 -17.08 2.56
C GLY B 29 4.76 -18.13 1.51
N CYS B 30 5.93 -18.01 0.90
CA CYS B 30 6.45 -19.04 0.01
C CYS B 30 7.10 -20.11 0.85
N PHE B 31 7.34 -19.77 2.11
CA PHE B 31 8.28 -20.50 2.93
C PHE B 31 7.67 -20.96 4.22
N GLY B 32 6.47 -20.51 4.52
CA GLY B 32 5.86 -20.89 5.75
C GLY B 32 4.45 -20.43 5.87
N GLU B 33 3.93 -20.52 7.09
CA GLU B 33 2.59 -20.04 7.45
C GLU B 33 2.52 -19.58 8.90
N VAL B 34 1.54 -18.75 9.20
CA VAL B 34 1.28 -18.45 10.59
C VAL B 34 -0.15 -18.79 10.96
N TRP B 35 -0.31 -19.59 12.00
CA TRP B 35 -1.63 -20.01 12.48
C TRP B 35 -1.91 -19.51 13.86
N MET B 36 -3.18 -19.21 14.12
CA MET B 36 -3.63 -19.13 15.48
C MET B 36 -4.07 -20.51 15.89
N GLY B 37 -3.68 -20.90 17.09
CA GLY B 37 -3.96 -22.26 17.58
C GLY B 37 -4.01 -22.36 19.09
N THR B 38 -4.16 -23.59 19.55
CA THR B 38 -4.23 -23.88 20.97
C THR B 38 -3.12 -24.86 21.34
N TRP B 39 -2.42 -24.52 22.41
CA TRP B 39 -1.38 -25.35 22.98
C TRP B 39 -1.92 -26.06 24.22
N ASN B 40 -1.55 -27.34 24.35
CA ASN B 40 -2.01 -28.21 25.43
C ASN B 40 -3.49 -28.11 25.70
N GLY B 41 -4.23 -27.71 24.66
CA GLY B 41 -5.66 -27.53 24.73
C GLY B 41 -6.14 -26.47 25.72
N THR B 42 -5.33 -25.46 26.04
CA THR B 42 -5.66 -24.50 27.11
C THR B 42 -5.24 -23.05 26.83
N THR B 43 -4.23 -22.87 25.98
CA THR B 43 -3.52 -21.60 25.88
C THR B 43 -3.52 -21.13 24.46
N ARG B 44 -3.88 -19.87 24.23
CA ARG B 44 -3.88 -19.31 22.87
C ARG B 44 -2.42 -19.00 22.52
N VAL B 45 -2.04 -19.40 21.30
CA VAL B 45 -0.69 -19.25 20.82
C VAL B 45 -0.69 -18.94 19.32
N ALA B 46 0.43 -18.41 18.83
CA ALA B 46 0.66 -18.36 17.39
C ALA B 46 1.70 -19.41 17.02
N ILE B 47 1.53 -20.03 15.86
CA ILE B 47 2.51 -20.99 15.35
C ILE B 47 2.98 -20.52 13.98
N LYS B 48 4.29 -20.32 13.85
CA LYS B 48 4.93 -20.04 12.56
C LYS B 48 5.49 -21.36 12.07
N THR B 49 5.13 -21.73 10.84
CA THR B 49 5.55 -23.01 10.25
C THR B 49 6.57 -22.76 9.15
N LEU B 50 7.47 -23.71 8.93
CA LEU B 50 8.50 -23.59 7.91
C LEU B 50 8.31 -24.71 6.87
N LYS B 51 8.25 -24.33 5.59
CA LYS B 51 8.06 -25.32 4.52
C LYS B 51 9.13 -26.39 4.63
N PRO B 52 8.73 -27.68 4.61
CA PRO B 52 9.75 -28.72 4.63
C PRO B 52 10.78 -28.45 3.54
N GLY B 53 12.05 -28.54 3.90
CA GLY B 53 13.11 -28.25 2.96
C GLY B 53 13.59 -26.81 3.05
N THR B 54 13.02 -26.06 3.98
CA THR B 54 13.38 -24.66 4.19
C THR B 54 14.75 -24.53 4.87
N MET B 55 14.96 -25.33 5.91
CA MET B 55 16.17 -25.26 6.73
C MET B 55 16.19 -26.48 7.60
N SER B 56 17.29 -27.24 7.52
CA SER B 56 17.54 -28.41 8.40
C SER B 56 17.19 -28.21 9.89
N PRO B 57 16.93 -29.33 10.59
CA PRO B 57 16.82 -29.20 12.05
C PRO B 57 18.18 -28.78 12.63
N GLU B 58 19.26 -29.40 12.11
CA GLU B 58 20.64 -29.08 12.49
C GLU B 58 20.85 -27.57 12.52
N ALA B 59 20.59 -26.91 11.39
CA ALA B 59 20.77 -25.45 11.27
C ALA B 59 19.80 -24.65 12.14
N PHE B 60 18.57 -25.14 12.25
CA PHE B 60 17.54 -24.43 13.02
C PHE B 60 17.93 -24.21 14.49
N LEU B 61 18.23 -25.30 15.20
CA LEU B 61 18.69 -25.19 16.58
C LEU B 61 19.74 -24.07 16.74
N GLN B 62 20.66 -23.98 15.78
CA GLN B 62 21.71 -22.96 15.78
C GLN B 62 21.14 -21.55 15.81
N GLU B 63 20.39 -21.17 14.78
CA GLU B 63 19.81 -19.83 14.66
C GLU B 63 18.68 -19.57 15.66
N ALA B 64 17.97 -20.62 16.07
CA ALA B 64 16.95 -20.54 17.13
C ALA B 64 17.47 -20.02 18.48
N GLN B 65 18.77 -20.13 18.70
CA GLN B 65 19.35 -19.73 20.00
C GLN B 65 18.94 -18.31 20.38
N VAL B 66 18.95 -17.40 19.41
CA VAL B 66 18.68 -15.99 19.68
C VAL B 66 17.29 -15.75 20.31
N MET B 67 16.28 -16.35 19.71
CA MET B 67 14.91 -16.19 20.20
C MET B 67 14.79 -16.91 21.55
N LYS B 68 15.55 -17.99 21.72
CA LYS B 68 15.59 -18.71 22.99
C LYS B 68 16.28 -17.94 24.13
N LYS B 69 17.27 -17.11 23.81
CA LYS B 69 18.01 -16.42 24.86
C LYS B 69 17.44 -15.06 25.22
N LEU B 70 16.51 -14.53 24.44
CA LEU B 70 16.01 -13.20 24.73
C LEU B 70 14.62 -13.27 25.36
N ARG B 71 14.43 -12.53 26.44
CA ARG B 71 13.18 -12.50 27.21
C ARG B 71 13.03 -11.08 27.72
N HIS B 72 12.05 -10.34 27.18
CA HIS B 72 11.79 -8.98 27.61
C HIS B 72 10.37 -8.63 27.19
N GLU B 73 9.73 -7.72 27.93
CA GLU B 73 8.30 -7.40 27.75
C GLU B 73 7.93 -6.94 26.31
N LYS B 74 8.90 -6.39 25.58
CA LYS B 74 8.65 -5.82 24.24
C LYS B 74 9.31 -6.61 23.14
N LEU B 75 9.65 -7.87 23.43
CA LEU B 75 9.99 -8.89 22.42
C LEU B 75 8.93 -9.95 22.50
N VAL B 76 8.55 -10.53 21.36
CA VAL B 76 7.49 -11.56 21.29
C VAL B 76 7.97 -12.84 21.95
N GLN B 77 7.34 -13.26 23.06
CA GLN B 77 7.81 -14.43 23.81
C GLN B 77 7.63 -15.78 23.08
N LEU B 78 8.75 -16.42 22.76
CA LEU B 78 8.76 -17.80 22.32
C LEU B 78 8.17 -18.65 23.42
N TYR B 79 7.38 -19.65 23.06
CA TYR B 79 6.81 -20.55 24.05
C TYR B 79 7.45 -21.92 23.96
N ALA B 80 7.78 -22.33 22.74
CA ALA B 80 8.22 -23.69 22.47
C ALA B 80 8.61 -23.82 20.99
N VAL B 81 9.21 -24.96 20.63
CA VAL B 81 9.54 -25.30 19.23
C VAL B 81 9.30 -26.80 18.94
N VAL B 82 9.01 -27.13 17.66
CA VAL B 82 9.02 -28.51 17.16
C VAL B 82 10.10 -28.65 16.07
N SER B 83 11.20 -29.31 16.41
CA SER B 83 12.42 -29.28 15.60
C SER B 83 12.52 -30.34 14.50
N GLU B 84 11.52 -31.22 14.38
CA GLU B 84 11.44 -32.13 13.25
C GLU B 84 10.60 -31.48 12.16
N GLU B 85 11.03 -31.57 10.89
CA GLU B 85 10.36 -30.90 9.76
C GLU B 85 8.96 -31.49 9.51
N PRO B 86 7.93 -30.64 9.26
CA PRO B 86 7.89 -29.16 9.20
C PRO B 86 8.12 -28.52 10.56
N ILE B 87 9.04 -27.57 10.61
CA ILE B 87 9.43 -26.98 11.87
C ILE B 87 8.36 -25.97 12.36
N TYR B 88 7.97 -26.10 13.62
CA TYR B 88 7.07 -25.13 14.23
C TYR B 88 7.75 -24.24 15.26
N ILE B 89 7.47 -22.96 15.19
CA ILE B 89 7.86 -22.08 16.27
C ILE B 89 6.57 -21.64 16.91
N VAL B 90 6.47 -21.81 18.22
CA VAL B 90 5.27 -21.48 18.97
C VAL B 90 5.52 -20.23 19.82
N THR B 91 4.74 -19.17 19.61
CA THR B 91 4.98 -17.93 20.35
C THR B 91 3.70 -17.40 20.98
N GLU B 92 3.84 -16.37 21.82
CA GLU B 92 2.69 -15.63 22.35
C GLU B 92 1.87 -15.03 21.22
N TYR B 93 0.57 -14.89 21.41
CA TYR B 93 -0.30 -14.46 20.32
C TYR B 93 -0.53 -12.95 20.31
N MET B 94 -0.19 -12.29 19.21
CA MET B 94 -0.39 -10.85 19.10
C MET B 94 -1.64 -10.54 18.32
N SER B 95 -2.69 -10.18 19.06
CA SER B 95 -4.04 -9.99 18.52
C SER B 95 -4.25 -9.01 17.34
N LYS B 96 -3.24 -8.23 16.99
CA LYS B 96 -3.43 -7.24 15.91
C LYS B 96 -2.47 -7.41 14.73
N GLY B 97 -1.73 -8.51 14.68
CA GLY B 97 -0.80 -8.77 13.58
C GLY B 97 0.32 -7.75 13.46
N SER B 98 0.92 -7.63 12.26
CA SER B 98 2.01 -6.70 12.04
C SER B 98 1.61 -5.23 12.27
N LEU B 99 2.58 -4.46 12.72
CA LEU B 99 2.46 -3.03 12.79
C LEU B 99 2.20 -2.48 11.37
N LEU B 100 2.81 -3.11 10.36
CA LEU B 100 2.61 -2.63 9.01
C LEU B 100 1.11 -2.70 8.68
N ASP B 101 0.49 -3.85 8.92
CA ASP B 101 -0.99 -4.02 8.72
C ASP B 101 -1.87 -3.18 9.64
N PHE B 102 -1.49 -3.08 10.91
CA PHE B 102 -2.17 -2.16 11.83
C PHE B 102 -2.22 -0.73 11.28
N LEU B 103 -1.06 -0.15 10.98
CA LEU B 103 -1.00 1.19 10.39
C LEU B 103 -1.80 1.37 9.11
N LYS B 104 -1.78 0.37 8.24
CA LYS B 104 -2.41 0.45 6.89
C LYS B 104 -3.94 0.23 6.91
N GLY B 105 -4.48 -0.24 8.03
CA GLY B 105 -5.88 -0.60 8.11
C GLY B 105 -6.74 0.51 8.68
N GLU B 106 -7.87 0.10 9.27
CA GLU B 106 -8.89 1.02 9.82
C GLU B 106 -8.27 2.01 10.80
N MET B 107 -7.30 1.55 11.58
CA MET B 107 -6.74 2.33 12.68
C MET B 107 -5.80 3.43 12.24
N GLY B 108 -5.31 3.32 11.02
CA GLY B 108 -4.36 4.27 10.51
C GLY B 108 -4.84 5.69 10.68
N LYS B 109 -6.08 5.97 10.27
CA LYS B 109 -6.53 7.34 10.24
C LYS B 109 -6.74 7.96 11.61
N TYR B 110 -6.72 7.17 12.67
CA TYR B 110 -7.08 7.70 13.99
C TYR B 110 -5.86 7.89 14.86
N LEU B 111 -4.79 7.19 14.50
CA LEU B 111 -3.49 7.34 15.12
C LEU B 111 -2.92 8.76 14.97
N ARG B 112 -2.43 9.33 16.06
CA ARG B 112 -1.72 10.61 16.01
C ARG B 112 -0.34 10.46 16.66
N LEU B 113 0.40 11.56 16.67
CA LEU B 113 1.75 11.56 17.22
C LEU B 113 1.89 10.95 18.64
N PRO B 114 0.96 11.25 19.57
CA PRO B 114 1.15 10.62 20.89
C PRO B 114 1.04 9.10 20.84
N GLN B 115 0.00 8.56 20.23
CA GLN B 115 0.00 7.11 19.98
C GLN B 115 1.29 6.65 19.28
N LEU B 116 1.66 7.29 18.18
CA LEU B 116 2.77 6.82 17.37
C LEU B 116 4.13 6.92 18.08
N VAL B 117 4.30 7.92 18.95
CA VAL B 117 5.57 8.06 19.60
C VAL B 117 5.66 7.06 20.73
N ASP B 118 4.52 6.74 21.32
CA ASP B 118 4.46 5.72 22.33
C ASP B 118 4.96 4.38 21.77
N MET B 119 4.43 3.99 20.62
CA MET B 119 4.87 2.77 19.95
C MET B 119 6.38 2.77 19.60
N ALA B 120 6.87 3.90 19.11
CA ALA B 120 8.24 4.02 18.74
C ALA B 120 9.12 3.72 19.98
N ALA B 121 8.64 4.16 21.16
CA ALA B 121 9.36 4.08 22.42
C ALA B 121 9.38 2.64 22.95
N GLN B 122 8.23 1.96 22.81
CA GLN B 122 8.10 0.55 23.17
C GLN B 122 9.07 -0.30 22.36
N ILE B 123 9.15 -0.01 21.06
CA ILE B 123 10.08 -0.68 20.16
C ILE B 123 11.52 -0.35 20.54
N ALA B 124 11.78 0.93 20.74
CA ALA B 124 13.10 1.37 21.21
C ALA B 124 13.47 0.64 22.50
N SER B 125 12.48 0.37 23.35
CA SER B 125 12.75 -0.36 24.57
C SER B 125 13.13 -1.85 24.36
N GLY B 126 12.38 -2.57 23.53
CA GLY B 126 12.80 -3.89 23.08
C GLY B 126 14.23 -3.94 22.52
N MET B 127 14.55 -2.99 21.64
CA MET B 127 15.88 -2.85 21.06
C MET B 127 17.00 -2.44 22.06
N ALA B 128 16.69 -1.55 22.99
CA ALA B 128 17.67 -1.19 24.02
C ALA B 128 18.06 -2.44 24.81
N TYR B 129 17.12 -3.35 24.98
CA TYR B 129 17.41 -4.61 25.66
C TYR B 129 18.33 -5.48 24.78
N VAL B 130 17.94 -5.68 23.52
CA VAL B 130 18.81 -6.36 22.55
C VAL B 130 20.23 -5.79 22.57
N GLU B 131 20.34 -4.46 22.67
CA GLU B 131 21.62 -3.72 22.73
C GLU B 131 22.42 -4.10 24.00
N ARG B 132 21.82 -4.00 25.19
CA ARG B 132 22.44 -4.51 26.44
C ARG B 132 22.87 -5.97 26.35
N MET B 133 22.07 -6.81 25.69
CA MET B 133 22.45 -8.23 25.53
C MET B 133 23.57 -8.52 24.51
N ASN B 134 24.01 -7.48 23.79
CA ASN B 134 25.02 -7.57 22.73
C ASN B 134 24.61 -8.34 21.52
N TYR B 135 23.31 -8.30 21.20
CA TYR B 135 22.79 -8.96 19.99
C TYR B 135 22.41 -7.95 18.92
N VAL B 136 22.08 -8.47 17.73
CA VAL B 136 21.75 -7.68 16.54
C VAL B 136 20.51 -8.31 15.84
N HIS B 137 19.49 -7.50 15.59
CA HIS B 137 18.24 -7.96 15.01
C HIS B 137 18.46 -8.28 13.54
N ARG B 138 18.88 -7.26 12.80
CA ARG B 138 19.23 -7.44 11.39
C ARG B 138 18.09 -7.25 10.38
N ASP B 139 16.81 -7.32 10.80
CA ASP B 139 15.67 -7.01 9.90
C ASP B 139 14.51 -6.29 10.61
N LEU B 140 14.84 -5.16 11.23
CA LEU B 140 13.90 -4.29 11.90
C LEU B 140 13.17 -3.39 10.91
N ARG B 141 11.85 -3.38 11.07
CA ARG B 141 10.88 -2.70 10.21
C ARG B 141 9.48 -3.14 10.66
N ALA B 142 8.47 -2.34 10.32
CA ALA B 142 7.10 -2.53 10.80
C ALA B 142 6.50 -3.92 10.54
N ALA B 143 6.90 -4.57 9.44
CA ALA B 143 6.37 -5.91 9.11
C ALA B 143 6.84 -6.93 10.13
N ASN B 144 7.99 -6.62 10.74
CA ASN B 144 8.55 -7.41 11.80
C ASN B 144 8.20 -6.91 13.20
N ILE B 145 7.24 -5.99 13.32
CA ILE B 145 6.73 -5.61 14.62
C ILE B 145 5.28 -6.06 14.73
N LEU B 146 4.94 -6.60 15.90
CA LEU B 146 3.60 -7.11 16.18
C LEU B 146 2.91 -6.26 17.23
N VAL B 147 1.57 -6.19 17.11
CA VAL B 147 0.72 -5.37 18.00
C VAL B 147 -0.31 -6.19 18.79
N GLY B 148 -0.61 -5.71 19.99
CA GLY B 148 -1.48 -6.44 20.89
C GLY B 148 -2.66 -5.59 21.29
N GLU B 149 -3.38 -6.02 22.31
CA GLU B 149 -4.37 -5.14 22.92
C GLU B 149 -3.65 -3.86 23.44
N ASN B 150 -4.35 -2.73 23.35
CA ASN B 150 -3.93 -1.49 24.04
C ASN B 150 -2.69 -0.81 23.44
N LEU B 151 -2.45 -1.04 22.14
CA LEU B 151 -1.27 -0.55 21.44
C LEU B 151 0.06 -1.10 21.98
N VAL B 152 0.07 -2.33 22.48
CA VAL B 152 1.35 -2.92 22.86
C VAL B 152 2.00 -3.31 21.57
N CYS B 153 3.29 -3.03 21.47
CA CYS B 153 4.12 -3.36 20.29
C CYS B 153 5.31 -4.20 20.69
N LYS B 154 5.60 -5.24 19.90
CA LYS B 154 6.74 -6.08 20.23
C LYS B 154 7.54 -6.47 19.01
N VAL B 155 8.87 -6.37 19.13
CA VAL B 155 9.81 -6.82 18.13
C VAL B 155 9.75 -8.34 18.01
N ALA B 156 9.85 -8.85 16.79
CA ALA B 156 9.63 -10.25 16.46
C ALA B 156 10.65 -10.66 15.41
N ASP B 157 10.69 -11.95 15.03
CA ASP B 157 11.49 -12.44 13.89
C ASP B 157 12.91 -11.91 13.95
N PHE B 158 13.85 -12.63 14.52
CA PHE B 158 15.13 -11.97 14.64
C PHE B 158 16.05 -12.19 13.45
N GLY B 159 15.66 -11.62 12.30
CA GLY B 159 16.40 -11.80 11.07
C GLY B 159 16.28 -13.20 10.51
N LEU B 160 15.39 -14.02 11.10
CA LEU B 160 15.07 -15.38 10.65
C LEU B 160 14.71 -15.48 9.15
N PRO B 178 15.84 -6.87 -0.55
CA PRO B 178 14.89 -5.83 -0.04
C PRO B 178 15.59 -4.83 0.88
N ILE B 179 16.33 -3.87 0.31
CA ILE B 179 17.39 -3.06 0.96
C ILE B 179 17.01 -1.77 1.70
N LYS B 180 15.81 -1.26 1.47
CA LYS B 180 15.46 0.12 1.88
C LYS B 180 15.52 0.42 3.37
N TRP B 181 15.35 -0.62 4.18
CA TRP B 181 15.43 -0.50 5.63
C TRP B 181 16.84 -0.74 6.19
N THR B 182 17.79 -1.04 5.33
CA THR B 182 19.12 -1.47 5.70
C THR B 182 20.17 -0.36 5.61
N ALA B 183 20.96 -0.20 6.67
CA ALA B 183 22.08 0.72 6.70
C ALA B 183 23.07 0.38 5.61
N PRO B 184 23.59 1.40 4.91
CA PRO B 184 24.46 1.23 3.75
C PRO B 184 25.55 0.21 3.98
N GLU B 185 26.26 0.35 5.10
CA GLU B 185 27.41 -0.48 5.37
C GLU B 185 26.97 -1.94 5.45
N ALA B 186 25.72 -2.14 5.84
CA ALA B 186 25.13 -3.49 5.93
C ALA B 186 24.74 -4.04 4.56
N ALA B 187 24.01 -3.24 3.79
CA ALA B 187 23.59 -3.63 2.45
C ALA B 187 24.76 -3.87 1.52
N LEU B 188 25.86 -3.12 1.71
CA LEU B 188 27.02 -3.20 0.83
C LEU B 188 28.12 -4.14 1.34
N TYR B 189 28.32 -4.22 2.65
CA TYR B 189 29.47 -4.95 3.18
C TYR B 189 29.15 -6.00 4.25
N GLY B 190 27.88 -6.21 4.58
CA GLY B 190 27.54 -7.18 5.61
C GLY B 190 27.90 -6.77 7.03
N ARG B 191 28.34 -5.53 7.26
CA ARG B 191 28.58 -5.04 8.63
C ARG B 191 27.27 -4.76 9.35
N PHE B 192 26.59 -5.82 9.74
CA PHE B 192 25.42 -5.68 10.59
C PHE B 192 25.87 -5.51 12.05
N THR B 193 25.42 -4.44 12.69
CA THR B 193 25.59 -4.28 14.12
C THR B 193 24.36 -3.63 14.68
N ILE B 194 24.38 -3.45 15.99
CA ILE B 194 23.35 -2.69 16.69
C ILE B 194 23.18 -1.31 16.01
N LYS B 195 24.29 -0.79 15.49
CA LYS B 195 24.29 0.46 14.73
C LYS B 195 23.52 0.43 13.41
N SER B 196 23.51 -0.70 12.73
CA SER B 196 22.66 -0.82 11.56
C SER B 196 21.20 -0.98 12.00
N ASP B 197 20.97 -1.61 13.16
CA ASP B 197 19.62 -1.60 13.67
C ASP B 197 19.14 -0.15 13.90
N VAL B 198 19.96 0.70 14.53
CA VAL B 198 19.58 2.11 14.73
C VAL B 198 19.14 2.80 13.42
N TRP B 199 19.88 2.56 12.34
CA TRP B 199 19.48 3.03 11.02
C TRP B 199 18.04 2.56 10.66
N SER B 200 17.75 1.28 10.82
CA SER B 200 16.43 0.79 10.48
C SER B 200 15.37 1.43 11.34
N PHE B 201 15.71 1.60 12.62
CA PHE B 201 14.81 2.27 13.52
C PHE B 201 14.38 3.62 12.97
N GLY B 202 15.36 4.43 12.55
CA GLY B 202 15.08 5.69 11.85
C GLY B 202 14.10 5.56 10.68
N ILE B 203 14.27 4.52 9.85
CA ILE B 203 13.34 4.26 8.75
C ILE B 203 11.97 3.82 9.28
N LEU B 204 11.99 2.95 10.30
CA LEU B 204 10.74 2.58 10.96
C LEU B 204 9.96 3.80 11.47
N LEU B 205 10.68 4.82 11.97
CA LEU B 205 10.05 6.11 12.30
C LEU B 205 9.34 6.76 11.13
N THR B 206 9.88 6.62 9.92
CA THR B 206 9.14 7.22 8.80
C THR B 206 7.90 6.39 8.52
N GLU B 207 7.98 5.08 8.66
CA GLU B 207 6.77 4.28 8.53
C GLU B 207 5.71 4.70 9.55
N LEU B 208 6.11 4.90 10.81
CA LEU B 208 5.13 5.34 11.81
C LEU B 208 4.53 6.69 11.48
N THR B 209 5.32 7.63 10.99
CA THR B 209 4.79 8.98 10.86
C THR B 209 4.09 9.21 9.54
N THR B 210 4.12 8.21 8.66
CA THR B 210 3.44 8.31 7.35
C THR B 210 2.27 7.34 7.35
N LYS B 211 2.03 6.70 8.48
CA LYS B 211 1.02 5.63 8.61
C LYS B 211 1.25 4.44 7.69
N GLY B 212 2.50 4.04 7.53
CA GLY B 212 2.82 2.75 6.90
C GLY B 212 3.28 2.78 5.45
N ARG B 213 3.42 3.98 4.89
CA ARG B 213 3.91 4.13 3.53
C ARG B 213 5.28 3.49 3.37
N VAL B 214 5.62 3.13 2.16
CA VAL B 214 6.92 2.55 1.90
C VAL B 214 7.93 3.71 1.90
N PRO B 215 9.11 3.54 2.56
CA PRO B 215 10.12 4.62 2.53
C PRO B 215 10.61 4.86 1.11
N TYR B 216 11.30 6.00 0.92
CA TYR B 216 11.71 6.53 -0.39
C TYR B 216 10.67 6.39 -1.50
N PRO B 217 9.46 6.98 -1.32
CA PRO B 217 8.38 6.92 -2.29
C PRO B 217 8.87 7.21 -3.69
N GLY B 218 8.65 6.28 -4.61
CA GLY B 218 9.03 6.45 -6.00
C GLY B 218 10.34 5.83 -6.44
N MET B 219 11.23 5.55 -5.49
CA MET B 219 12.55 5.05 -5.85
C MET B 219 12.66 3.51 -5.77
N VAL B 220 13.11 2.89 -6.85
CA VAL B 220 13.51 1.48 -6.83
C VAL B 220 14.82 1.28 -6.03
N ASN B 221 15.11 0.06 -5.61
CA ASN B 221 16.25 -0.22 -4.74
C ASN B 221 17.62 0.37 -5.18
N ARG B 222 18.00 0.25 -6.46
CA ARG B 222 19.31 0.77 -6.89
C ARG B 222 19.42 2.27 -6.73
N GLU B 223 18.35 3.01 -7.06
CA GLU B 223 18.35 4.48 -6.90
C GLU B 223 18.45 4.87 -5.42
N VAL B 224 17.83 4.10 -4.53
CA VAL B 224 18.00 4.34 -3.09
C VAL B 224 19.48 4.14 -2.65
N LEU B 225 20.02 2.98 -3.03
CA LEU B 225 21.38 2.65 -2.72
C LEU B 225 22.30 3.79 -3.18
N ASP B 226 22.29 4.05 -4.50
CA ASP B 226 23.07 5.16 -5.09
C ASP B 226 22.81 6.52 -4.45
N GLN B 227 21.53 6.88 -4.30
CA GLN B 227 21.19 8.18 -3.74
C GLN B 227 21.59 8.34 -2.27
N VAL B 228 21.39 7.29 -1.48
CA VAL B 228 21.86 7.33 -0.09
C VAL B 228 23.43 7.44 0.03
N GLU B 229 24.14 6.74 -0.84
CA GLU B 229 25.59 6.92 -0.95
C GLU B 229 26.01 8.37 -1.30
N ARG B 230 25.23 9.02 -2.15
CA ARG B 230 25.55 10.39 -2.50
C ARG B 230 25.10 11.35 -1.38
N GLY B 231 24.58 10.80 -0.28
CA GLY B 231 24.22 11.63 0.86
C GLY B 231 22.76 12.06 0.98
N TYR B 232 21.91 11.56 0.08
CA TYR B 232 20.49 11.78 0.18
C TYR B 232 19.86 11.10 1.42
N ARG B 233 18.89 11.81 2.02
CA ARG B 233 18.12 11.27 3.13
C ARG B 233 16.68 11.71 2.93
N MET B 234 15.73 10.92 3.43
CA MET B 234 14.32 11.34 3.37
C MET B 234 14.01 12.66 4.06
N PRO B 235 13.27 13.52 3.36
CA PRO B 235 12.80 14.78 3.92
C PRO B 235 11.84 14.56 5.03
N CYS B 236 11.57 15.62 5.78
CA CYS B 236 10.64 15.60 6.89
C CYS B 236 9.20 15.34 6.43
N PRO B 237 8.62 14.19 6.81
CA PRO B 237 7.23 13.84 6.42
C PRO B 237 6.25 14.93 6.86
N PRO B 238 5.12 15.11 6.14
CA PRO B 238 4.18 16.22 6.43
C PRO B 238 3.63 16.22 7.84
N GLU B 239 3.55 17.40 8.45
CA GLU B 239 2.97 17.55 9.80
C GLU B 239 3.85 16.98 10.88
N CYS B 240 4.87 16.23 10.50
CA CYS B 240 5.83 15.73 11.47
C CYS B 240 6.76 16.83 12.03
N PRO B 241 6.89 16.93 13.36
CA PRO B 241 7.76 17.97 13.95
C PRO B 241 9.20 17.82 13.47
N GLU B 242 9.91 18.95 13.37
CA GLU B 242 11.33 18.99 12.95
C GLU B 242 12.26 18.23 13.93
N SER B 243 11.92 18.24 15.22
CA SER B 243 12.69 17.55 16.24
C SER B 243 12.65 16.04 16.08
N LEU B 244 11.52 15.52 15.60
CA LEU B 244 11.40 14.10 15.32
C LEU B 244 12.13 13.69 14.05
N HIS B 245 12.12 14.57 13.03
CA HIS B 245 12.90 14.35 11.83
C HIS B 245 14.40 14.48 12.12
N ASP B 246 14.74 15.23 13.16
CA ASP B 246 16.14 15.39 13.49
C ASP B 246 16.65 14.11 14.13
N LEU B 247 15.78 13.44 14.88
CA LEU B 247 16.11 12.12 15.40
C LEU B 247 16.32 11.08 14.29
N MET B 248 15.46 11.10 13.27
CA MET B 248 15.66 10.27 12.09
C MET B 248 17.06 10.52 11.48
N CYS B 249 17.45 11.79 11.34
CA CYS B 249 18.73 12.14 10.75
C CYS B 249 19.95 11.72 11.53
N GLN B 250 19.82 11.75 12.84
CA GLN B 250 20.83 11.21 13.70
C GLN B 250 20.93 9.70 13.48
N CYS B 251 19.80 9.02 13.34
CA CYS B 251 19.83 7.59 13.05
C CYS B 251 20.47 7.24 11.70
N TRP B 252 20.52 8.20 10.78
CA TRP B 252 21.05 7.98 9.45
C TRP B 252 22.43 8.60 9.19
N ARG B 253 23.22 8.82 10.22
CA ARG B 253 24.59 9.27 10.02
C ARG B 253 25.41 8.22 9.24
N LYS B 254 26.32 8.69 8.36
CA LYS B 254 27.25 7.82 7.65
C LYS B 254 28.08 7.03 8.69
N ASP B 255 28.69 7.69 9.68
CA ASP B 255 29.45 6.93 10.70
C ASP B 255 28.54 6.19 11.65
N PRO B 256 28.53 4.85 11.58
CA PRO B 256 27.66 4.06 12.46
C PRO B 256 27.91 4.40 13.94
N GLU B 257 29.13 4.82 14.28
CA GLU B 257 29.56 5.08 15.65
C GLU B 257 28.90 6.36 16.19
N GLU B 258 28.47 7.23 15.28
CA GLU B 258 27.89 8.51 15.59
C GLU B 258 26.35 8.48 15.70
N ARG B 259 25.75 7.32 15.41
CA ARG B 259 24.29 7.16 15.52
C ARG B 259 23.95 6.98 16.99
N PRO B 260 22.75 7.43 17.42
CA PRO B 260 22.44 7.19 18.83
C PRO B 260 22.24 5.70 19.17
N THR B 261 22.47 5.34 20.45
CA THR B 261 22.09 4.08 21.05
C THR B 261 20.58 4.02 21.20
N PHE B 262 20.01 2.84 21.42
CA PHE B 262 18.56 2.73 21.63
C PHE B 262 18.15 3.19 23.03
N GLU B 263 19.10 3.10 23.95
CA GLU B 263 18.94 3.69 25.25
C GLU B 263 18.63 5.18 25.13
N TYR B 264 19.41 5.91 24.32
CA TYR B 264 19.09 7.30 24.03
C TYR B 264 17.70 7.43 23.33
N LEU B 265 17.42 6.57 22.33
CA LEU B 265 16.18 6.68 21.57
C LEU B 265 14.98 6.45 22.48
N GLN B 266 15.12 5.45 23.36
CA GLN B 266 14.03 5.10 24.28
C GLN B 266 13.64 6.30 25.14
N ALA B 267 14.64 6.83 25.87
CA ALA B 267 14.50 7.98 26.77
C ALA B 267 13.92 9.19 26.05
N PHE B 268 14.44 9.46 24.87
CA PHE B 268 14.04 10.64 24.15
C PHE B 268 12.55 10.51 23.77
N LEU B 269 12.15 9.33 23.29
CA LEU B 269 10.77 9.12 22.86
C LEU B 269 9.79 9.13 24.04
N GLU B 270 10.17 8.50 25.16
CA GLU B 270 9.33 8.47 26.35
C GLU B 270 9.04 9.85 26.87
N ASP B 271 10.06 10.71 26.78
CA ASP B 271 10.01 12.05 27.34
C ASP B 271 9.50 13.08 26.33
N TYR B 272 9.20 12.63 25.11
CA TYR B 272 9.05 13.54 23.98
C TYR B 272 8.06 14.71 24.21
N PHE B 273 6.89 14.43 24.76
CA PHE B 273 5.93 15.53 24.93
C PHE B 273 6.16 16.40 26.14
N THR B 274 7.22 16.12 26.88
CA THR B 274 7.54 17.02 27.99
C THR B 274 8.81 17.78 27.78
N SER B 275 9.82 17.14 27.20
CA SER B 275 11.08 17.83 27.03
C SER B 275 11.37 18.33 25.60
N THR B 276 10.69 17.82 24.60
CA THR B 276 11.00 18.16 23.23
C THR B 276 9.86 18.95 22.57
N GLU B 277 8.62 18.46 22.67
CA GLU B 277 7.48 19.16 22.06
C GLU B 277 6.41 19.52 23.07
N PRO B 278 6.78 20.31 24.10
CA PRO B 278 5.78 20.55 25.11
C PRO B 278 4.56 21.37 24.60
N GLN B 279 4.69 22.02 23.44
CA GLN B 279 3.58 22.85 22.89
C GLN B 279 2.94 22.20 21.65
N TYR B 280 3.13 20.89 21.53
CA TYR B 280 2.55 20.08 20.48
C TYR B 280 1.05 20.27 20.43
N GLN B 281 0.51 20.36 19.23
CA GLN B 281 -0.94 20.33 19.02
C GLN B 281 -1.29 19.37 17.89
N PRO B 282 -2.32 18.54 18.10
CA PRO B 282 -2.80 17.64 17.02
C PRO B 282 -3.20 18.39 15.75
N GLY B 283 -2.96 17.77 14.62
CA GLY B 283 -3.21 18.36 13.32
C GLY B 283 -4.13 17.43 12.55
N GLU B 284 -4.26 17.69 11.25
CA GLU B 284 -5.20 16.91 10.44
C GLU B 284 -4.86 15.42 10.42
N ASN B 285 -3.58 15.08 10.49
CA ASN B 285 -3.13 13.70 10.41
C ASN B 285 -2.21 13.24 11.55
N LEU B 286 -1.53 14.19 12.18
CA LEU B 286 -0.64 13.90 13.31
C LEU B 286 -0.85 14.88 14.47
CAI KS4 C . -12.48 9.18 -28.77
CAH KS4 C . -12.63 7.80 -28.14
CAJ KS4 C . -11.40 8.06 -27.27
CAW KS4 C . -11.03 9.20 -28.23
NAX KS4 C . -10.69 10.40 -27.44
NAM KS4 C . -11.51 11.10 -26.81
C4 KS4 C . -9.45 10.79 -27.28
N3 KS4 C . -8.28 10.33 -27.76
C2 KS4 C . -7.14 10.93 -27.45
N1 KS4 C . -7.14 12.01 -26.67
C6 KS4 C . -8.28 12.52 -26.15
NAC KS4 C . -8.21 13.60 -25.39
C5 KS4 C . -9.50 11.90 -26.46
CAT KS4 C . -10.87 12.05 -26.16
CAP KS4 C . -11.51 13.06 -25.46
CAG KS4 C . -11.49 14.32 -26.04
CAD KS4 C . -12.25 12.88 -24.29
CAE KS4 C . -12.90 13.99 -23.72
CAR KS4 C . -12.85 15.28 -24.30
OAN KS4 C . -13.46 16.41 -23.76
CAA KS4 C . -14.32 16.24 -22.60
CAS KS4 C . -12.13 15.45 -25.48
OAO KS4 C . -12.07 16.71 -26.05
CAB KS4 C . -10.98 17.00 -26.95
CAI KS4 D . 0.61 -13.29 10.54
CAH KS4 D . 0.95 -12.06 9.70
CAJ KS4 D . 1.36 -11.32 11.00
CAW KS4 D . 0.56 -12.38 11.77
NAX KS4 D . 1.40 -12.90 12.87
NAM KS4 D . 2.59 -13.26 12.75
C4 KS4 D . 0.98 -13.00 14.12
N3 KS4 D . -0.20 -12.73 14.69
C2 KS4 D . -0.37 -12.95 15.99
N1 KS4 D . 0.61 -13.41 16.75
C6 KS4 D . 1.83 -13.69 16.24
NAC KS4 D . 2.77 -14.15 17.08
C5 KS4 D . 2.05 -13.51 14.86
CAT KS4 D . 3.09 -13.63 13.91
CAP KS4 D . 4.39 -14.11 14.09
CAG KS4 D . 4.51 -15.38 14.63
CAD KS4 D . 5.55 -13.43 13.72
CAE KS4 D . 6.82 -14.01 13.91
CAR KS4 D . 6.93 -15.30 14.48
OAN KS4 D . 8.12 -15.99 14.73
CAA KS4 D . 9.40 -15.34 14.63
CAS KS4 D . 5.74 -15.97 14.82
OAO KS4 D . 5.80 -17.25 15.38
CAB KS4 D . 4.63 -17.87 15.96
#